data_6HKQ
#
_entry.id   6HKQ
#
_cell.length_a   32.734
_cell.length_b   57.249
_cell.length_c   81.311
_cell.angle_alpha   90.00
_cell.angle_beta   90.00
_cell.angle_gamma   90.00
#
_symmetry.space_group_name_H-M   'P 21 21 21'
#
loop_
_entity.id
_entity.type
_entity.pdbx_description
1 polymer 'Phospholipid hydroperoxide glutathione peroxidase'
2 non-polymer (2~{S})-2-[2-chloranylethanoyl-(3-chloranyl-4-methoxy-phenyl)amino]-~{N}-(2-phenylethyl)-2-thiophen-2-yl-ethanamide
3 non-polymer 'SULFATE ION'
4 non-polymer 1,2-ETHANEDIOL
5 non-polymer 'DIMETHYL SULFOXIDE'
6 water water
#
_entity_poly.entity_id   1
_entity_poly.type   'polypeptide(L)'
_entity_poly.pdbx_seq_one_letter_code
;MCASRDDWRCARSMHEFSAKDIDGHMVNLDKYRGFVCIVTNVASQUGKTEVNYTQLVDLHARYAESGLRILAFPCNQFGK
QEPGSNEEIKEFAAGYNVKFDMFSKICVNGDDAHPLWKWMKIQPKGKGILGNAIKWNFTKFLIDKNGCVVKRYGPMEEPL
VIEKDLPHYFHHHHHH
;
_entity_poly.pdbx_strand_id   A
#
loop_
_chem_comp.id
_chem_comp.type
_chem_comp.name
_chem_comp.formula
DMS non-polymer 'DIMETHYL SULFOXIDE' 'C2 H6 O S'
EDO non-polymer 1,2-ETHANEDIOL 'C2 H6 O2'
G9N non-polymer (2~{S})-2-[2-chloranylethanoyl-(3-chloranyl-4-methoxy-phenyl)amino]-~{N}-(2-phenylethyl)-2-thiophen-2-yl-ethanamide 'C23 H22 Cl2 N2 O3 S'
SO4 non-polymer 'SULFATE ION' 'O4 S -2'
#
# COMPACT_ATOMS: atom_id res chain seq x y z
N ASP A 6 -2.42 -11.59 -18.45
CA ASP A 6 -1.78 -11.36 -17.11
C ASP A 6 -1.50 -12.69 -16.38
N ASP A 7 -0.35 -12.72 -15.71
N ASP A 7 -0.31 -12.78 -15.79
CA ASP A 7 0.22 -13.92 -15.11
CA ASP A 7 0.15 -13.98 -15.09
C ASP A 7 0.40 -13.78 -13.58
C ASP A 7 0.51 -13.67 -13.64
N TRP A 8 -0.24 -12.76 -13.02
CA TRP A 8 -0.06 -12.42 -11.61
C TRP A 8 -0.36 -13.57 -10.63
N ARG A 9 -1.19 -14.55 -11.04
CA ARG A 9 -1.57 -15.66 -10.17
C ARG A 9 -0.43 -16.57 -9.80
N CYS A 10 0.64 -16.59 -10.59
CA CYS A 10 1.80 -17.46 -10.34
CA CYS A 10 1.76 -17.48 -10.21
C CYS A 10 3.00 -16.73 -9.71
N ALA A 11 2.87 -15.43 -9.43
CA ALA A 11 3.98 -14.71 -8.84
C ALA A 11 4.15 -15.16 -7.38
N ARG A 12 5.38 -15.07 -6.86
CA ARG A 12 5.68 -15.44 -5.49
C ARG A 12 6.14 -14.28 -4.62
N SER A 13 6.18 -13.08 -5.18
CA SER A 13 6.73 -11.91 -4.47
C SER A 13 6.24 -10.61 -5.08
N MET A 14 6.10 -9.58 -4.25
CA MET A 14 5.83 -8.24 -4.71
C MET A 14 6.91 -7.75 -5.69
N HIS A 15 8.12 -8.31 -5.55
CA HIS A 15 9.26 -7.92 -6.36
C HIS A 15 9.14 -8.28 -7.81
N GLU A 16 8.13 -9.07 -8.17
CA GLU A 16 7.87 -9.39 -9.58
C GLU A 16 7.05 -8.35 -10.32
N PHE A 17 6.53 -7.36 -9.62
CA PHE A 17 5.60 -6.37 -10.16
C PHE A 17 6.28 -5.01 -10.37
N SER A 18 5.59 -4.22 -11.19
CA SER A 18 5.96 -2.83 -11.46
CA SER A 18 5.96 -2.84 -11.44
C SER A 18 4.72 -1.97 -11.38
N ALA A 19 4.90 -0.70 -11.04
CA ALA A 19 3.79 0.23 -11.04
C ALA A 19 4.28 1.63 -11.30
N LYS A 20 3.41 2.47 -11.86
CA LYS A 20 3.76 3.85 -12.12
C LYS A 20 3.70 4.63 -10.81
N ASP A 21 4.77 5.36 -10.52
CA ASP A 21 4.77 6.33 -9.43
C ASP A 21 3.81 7.48 -9.72
N ILE A 22 3.62 8.37 -8.75
CA ILE A 22 2.58 9.38 -8.87
C ILE A 22 2.91 10.43 -9.95
N ASP A 23 4.17 10.47 -10.39
CA ASP A 23 4.61 11.34 -11.47
C ASP A 23 4.41 10.67 -12.83
N GLY A 24 4.00 9.40 -12.84
CA GLY A 24 3.77 8.64 -14.08
C GLY A 24 4.94 7.80 -14.57
N HIS A 25 5.97 7.67 -13.73
CA HIS A 25 7.14 6.92 -14.09
C HIS A 25 7.07 5.49 -13.58
N MET A 26 7.26 4.51 -14.47
CA MET A 26 7.21 3.11 -14.11
C MET A 26 8.35 2.79 -13.13
N VAL A 27 7.98 2.16 -12.04
CA VAL A 27 8.93 1.72 -11.00
C VAL A 27 8.88 0.20 -10.93
N ASN A 28 10.05 -0.44 -10.98
CA ASN A 28 10.17 -1.88 -10.75
CA ASN A 28 10.14 -1.87 -10.74
C ASN A 28 10.17 -2.09 -9.23
N LEU A 29 9.22 -2.86 -8.73
CA LEU A 29 9.11 -3.05 -7.28
C LEU A 29 10.18 -3.96 -6.72
N ASP A 30 11.02 -4.56 -7.57
CA ASP A 30 12.19 -5.24 -7.02
C ASP A 30 13.19 -4.33 -6.28
N LYS A 31 13.06 -3.00 -6.44
CA LYS A 31 13.84 -2.07 -5.67
C LYS A 31 13.55 -2.20 -4.16
N TYR A 32 12.43 -2.87 -3.79
CA TYR A 32 12.09 -3.05 -2.39
C TYR A 32 12.64 -4.36 -1.79
N ARG A 33 13.43 -5.13 -2.57
CA ARG A 33 14.11 -6.29 -2.07
C ARG A 33 15.05 -5.94 -0.90
N GLY A 34 14.84 -6.56 0.25
CA GLY A 34 15.56 -6.28 1.45
C GLY A 34 14.88 -5.34 2.44
N PHE A 35 13.72 -4.79 2.03
CA PHE A 35 12.98 -3.81 2.79
C PHE A 35 11.64 -4.33 3.26
N VAL A 36 11.23 -3.91 4.47
CA VAL A 36 9.93 -4.23 5.00
C VAL A 36 8.99 -3.14 4.53
N CYS A 37 7.82 -3.50 3.99
CA CYS A 37 6.95 -2.50 3.35
C CYS A 37 5.54 -2.57 3.86
N ILE A 38 4.92 -1.40 3.95
CA ILE A 38 3.48 -1.30 4.11
C ILE A 38 2.93 -0.84 2.78
N VAL A 39 2.00 -1.60 2.22
CA VAL A 39 1.33 -1.24 0.96
C VAL A 39 -0.11 -0.91 1.31
N THR A 40 -0.57 0.30 0.93
CA THR A 40 -1.89 0.77 1.34
C THR A 40 -2.61 1.52 0.23
N ASN A 41 -3.92 1.37 0.16
CA ASN A 41 -4.77 2.15 -0.74
C ASN A 41 -5.26 3.39 -0.01
N VAL A 42 -5.07 4.56 -0.60
CA VAL A 42 -5.41 5.85 0.04
C VAL A 42 -6.51 6.61 -0.68
N ALA A 43 -7.08 7.58 0.01
CA ALA A 43 -8.07 8.50 -0.57
C ALA A 43 -7.96 9.79 0.23
N SER A 44 -8.23 10.90 -0.43
CA SER A 44 -8.02 12.21 0.18
C SER A 44 -9.21 12.78 0.94
N GLN A 45 -10.43 12.31 0.67
CA GLN A 45 -11.66 12.96 1.19
C GLN A 45 -12.47 12.04 2.14
N SEC A 46 -11.76 11.40 3.07
CA SEC A 46 -12.39 10.50 4.05
CA SEC A 46 -12.33 10.42 4.03
C SEC A 46 -12.16 11.02 5.42
N GLY A 47 -13.08 10.70 6.33
CA GLY A 47 -12.87 11.00 7.74
C GLY A 47 -11.57 10.44 8.32
N LYS A 48 -11.18 9.25 7.86
CA LYS A 48 -9.95 8.62 8.32
C LYS A 48 -8.71 8.95 7.49
N THR A 49 -8.80 9.86 6.53
CA THR A 49 -7.62 10.26 5.77
C THR A 49 -6.52 10.82 6.68
N GLU A 50 -6.89 11.72 7.58
CA GLU A 50 -5.89 12.38 8.44
C GLU A 50 -5.14 11.42 9.36
N VAL A 51 -5.86 10.57 10.05
CA VAL A 51 -5.23 9.60 10.96
C VAL A 51 -4.34 8.65 10.19
N ASN A 52 -4.78 8.21 9.01
CA ASN A 52 -3.95 7.28 8.25
C ASN A 52 -2.66 7.94 7.74
N TYR A 53 -2.78 9.11 7.09
CA TYR A 53 -1.59 9.78 6.58
C TYR A 53 -0.62 10.15 7.73
N THR A 54 -1.15 10.73 8.79
CA THR A 54 -0.27 11.20 9.85
C THR A 54 0.47 10.01 10.52
N GLN A 55 -0.23 8.90 10.74
CA GLN A 55 0.39 7.78 11.39
C GLN A 55 1.39 7.07 10.48
N LEU A 56 1.10 6.99 9.17
CA LEU A 56 2.06 6.45 8.20
C LEU A 56 3.31 7.29 8.13
N VAL A 57 3.15 8.62 8.14
CA VAL A 57 4.29 9.51 8.18
C VAL A 57 5.12 9.28 9.45
N ASP A 58 4.45 9.10 10.59
CA ASP A 58 5.12 8.87 11.86
C ASP A 58 5.89 7.54 11.82
N LEU A 59 5.27 6.48 11.32
CA LEU A 59 5.95 5.19 11.22
C LEU A 59 7.18 5.29 10.32
N HIS A 60 7.03 5.94 9.18
CA HIS A 60 8.16 6.11 8.24
C HIS A 60 9.30 6.90 8.91
N ALA A 61 8.94 7.98 9.59
CA ALA A 61 9.94 8.78 10.30
C ALA A 61 10.76 8.00 11.28
N ARG A 62 10.10 7.11 12.02
CA ARG A 62 10.76 6.37 13.10
C ARG A 62 11.44 5.10 12.65
N TYR A 63 10.99 4.49 11.52
CA TYR A 63 11.49 3.18 11.09
C TYR A 63 12.19 3.16 9.72
N ALA A 64 12.19 4.27 8.99
CA ALA A 64 12.91 4.29 7.69
C ALA A 64 14.35 3.83 7.86
N GLU A 65 15.00 4.27 8.96
CA GLU A 65 16.39 3.88 9.27
C GLU A 65 16.65 2.40 9.43
N SER A 66 15.61 1.62 9.73
CA SER A 66 15.72 0.18 9.85
C SER A 66 15.30 -0.55 8.57
N GLY A 67 14.81 0.19 7.58
CA GLY A 67 14.36 -0.39 6.31
C GLY A 67 12.86 -0.39 6.07
N LEU A 68 12.06 0.33 6.86
CA LEU A 68 10.62 0.45 6.55
C LEU A 68 10.43 1.35 5.34
N ARG A 69 9.62 0.88 4.41
CA ARG A 69 9.18 1.67 3.28
C ARG A 69 7.68 1.58 3.21
N ILE A 70 7.06 2.60 2.62
CA ILE A 70 5.62 2.67 2.51
C ILE A 70 5.26 3.02 1.07
N LEU A 71 4.35 2.24 0.51
CA LEU A 71 3.86 2.41 -0.87
C LEU A 71 2.38 2.73 -0.81
N ALA A 72 2.00 3.91 -1.22
CA ALA A 72 0.65 4.41 -1.14
C ALA A 72 0.08 4.52 -2.54
N PHE A 73 -1.01 3.79 -2.75
CA PHE A 73 -1.73 3.74 -3.99
C PHE A 73 -3.07 4.46 -3.84
N PRO A 74 -3.21 5.63 -4.46
CA PRO A 74 -4.53 6.26 -4.49
C PRO A 74 -5.57 5.39 -5.18
N CYS A 75 -6.82 5.42 -4.70
CA CYS A 75 -7.89 4.65 -5.30
C CYS A 75 -9.23 5.31 -5.10
N ASN A 76 -10.01 5.39 -6.18
CA ASN A 76 -11.26 6.09 -6.16
C ASN A 76 -12.47 5.16 -6.11
N GLN A 77 -12.24 3.88 -5.79
CA GLN A 77 -13.32 2.89 -5.79
C GLN A 77 -14.17 2.84 -4.50
N PHE A 78 -13.92 3.70 -3.51
CA PHE A 78 -14.58 3.55 -2.20
C PHE A 78 -15.24 4.88 -1.83
N GLY A 79 -16.40 5.10 -2.41
CA GLY A 79 -17.16 6.34 -2.18
C GLY A 79 -16.74 7.44 -3.17
N LYS A 80 -15.95 7.11 -4.17
CA LYS A 80 -15.37 8.11 -5.08
C LYS A 80 -14.72 9.28 -4.34
N GLN A 81 -13.93 8.95 -3.32
CA GLN A 81 -13.29 9.95 -2.48
C GLN A 81 -11.79 10.17 -2.75
N GLU A 82 -11.37 9.73 -3.95
CA GLU A 82 -10.08 10.11 -4.49
C GLU A 82 -10.28 10.57 -5.96
N PRO A 83 -11.05 11.66 -6.14
CA PRO A 83 -11.42 12.11 -7.49
C PRO A 83 -10.35 12.86 -8.25
N GLY A 84 -9.30 13.31 -7.56
CA GLY A 84 -8.34 14.22 -8.13
C GLY A 84 -7.35 13.62 -9.09
N SER A 85 -6.61 14.48 -9.74
CA SER A 85 -5.54 14.03 -10.59
C SER A 85 -4.39 13.52 -9.76
N ASN A 86 -3.51 12.72 -10.38
CA ASN A 86 -2.29 12.35 -9.72
C ASN A 86 -1.47 13.54 -9.17
N GLU A 87 -1.37 14.62 -9.95
CA GLU A 87 -0.65 15.84 -9.52
C GLU A 87 -1.27 16.46 -8.29
N GLU A 88 -2.61 16.50 -8.26
CA GLU A 88 -3.34 17.01 -7.10
C GLU A 88 -3.17 16.14 -5.85
N ILE A 89 -3.20 14.81 -6.06
CA ILE A 89 -3.01 13.90 -4.91
C ILE A 89 -1.58 14.02 -4.38
N LYS A 90 -0.62 14.17 -5.27
CA LYS A 90 0.78 14.39 -4.84
C LYS A 90 0.92 15.63 -3.91
N GLU A 91 0.27 16.71 -4.30
CA GLU A 91 0.27 17.94 -3.54
C GLU A 91 -0.47 17.78 -2.20
N PHE A 92 -1.58 17.04 -2.24
CA PHE A 92 -2.30 16.70 -1.02
C PHE A 92 -1.40 15.98 -0.02
N ALA A 93 -0.70 14.96 -0.50
CA ALA A 93 0.20 14.20 0.34
C ALA A 93 1.35 15.08 0.87
N ALA A 94 1.84 16.02 0.06
CA ALA A 94 2.87 16.96 0.52
C ALA A 94 2.42 17.79 1.72
N GLY A 95 1.13 18.07 1.80
CA GLY A 95 0.57 18.79 2.96
C GLY A 95 0.71 18.05 4.29
N TYR A 96 0.83 16.72 4.23
CA TYR A 96 1.12 15.89 5.40
C TYR A 96 2.59 15.54 5.55
N ASN A 97 3.45 16.17 4.77
CA ASN A 97 4.89 15.95 4.79
C ASN A 97 5.29 14.51 4.48
N VAL A 98 4.55 13.90 3.55
CA VAL A 98 4.84 12.54 3.14
C VAL A 98 6.19 12.45 2.47
N LYS A 99 7.05 11.55 2.99
CA LYS A 99 8.36 11.30 2.40
C LYS A 99 8.47 9.89 1.85
N PHE A 100 7.41 9.11 2.03
CA PHE A 100 7.37 7.75 1.46
C PHE A 100 6.90 7.80 0.02
N ASP A 101 6.65 6.62 -0.56
CA ASP A 101 6.49 6.50 -1.99
C ASP A 101 5.02 6.53 -2.43
N MET A 102 4.68 7.55 -3.20
CA MET A 102 3.33 7.73 -3.70
C MET A 102 3.27 7.20 -5.12
N PHE A 103 2.20 6.49 -5.44
CA PHE A 103 1.99 5.89 -6.75
C PHE A 103 0.82 6.54 -7.47
N SER A 104 0.73 6.32 -8.79
CA SER A 104 -0.43 6.76 -9.55
C SER A 104 -1.68 6.02 -9.12
N LYS A 105 -2.80 6.70 -9.26
CA LYS A 105 -4.10 6.15 -8.95
C LYS A 105 -4.39 4.85 -9.74
N ILE A 106 -4.93 3.87 -9.02
CA ILE A 106 -5.28 2.57 -9.54
C ILE A 106 -6.64 2.11 -9.05
N CYS A 107 -7.12 1.02 -9.64
CA CYS A 107 -8.16 0.21 -9.05
C CYS A 107 -7.47 -0.91 -8.23
N VAL A 108 -8.14 -1.35 -7.17
CA VAL A 108 -7.67 -2.46 -6.34
C VAL A 108 -8.60 -3.67 -6.36
N ASN A 109 -9.82 -3.49 -6.90
CA ASN A 109 -10.79 -4.59 -7.08
C ASN A 109 -11.29 -4.63 -8.51
N GLY A 110 -11.76 -5.81 -8.89
CA GLY A 110 -12.29 -6.04 -10.22
C GLY A 110 -11.24 -6.39 -11.24
N ASP A 111 -11.68 -6.56 -12.50
CA ASP A 111 -10.78 -7.01 -13.57
C ASP A 111 -9.66 -6.07 -13.91
N ASP A 112 -9.83 -4.78 -13.62
CA ASP A 112 -8.78 -3.80 -13.86
C ASP A 112 -8.01 -3.41 -12.62
N ALA A 113 -8.13 -4.21 -11.56
CA ALA A 113 -7.23 -4.01 -10.41
C ALA A 113 -5.78 -4.12 -10.84
N HIS A 114 -4.92 -3.28 -10.26
CA HIS A 114 -3.50 -3.41 -10.51
C HIS A 114 -3.06 -4.85 -10.17
N PRO A 115 -2.23 -5.46 -11.03
CA PRO A 115 -1.88 -6.86 -10.77
C PRO A 115 -1.22 -7.13 -9.41
N LEU A 116 -0.47 -6.17 -8.87
CA LEU A 116 0.07 -6.32 -7.49
C LEU A 116 -1.05 -6.57 -6.48
N TRP A 117 -2.12 -5.79 -6.59
CA TRP A 117 -3.28 -5.90 -5.71
C TRP A 117 -4.04 -7.19 -5.91
N LYS A 118 -4.22 -7.60 -7.17
CA LYS A 118 -4.79 -8.94 -7.44
C LYS A 118 -3.97 -10.02 -6.69
N TRP A 119 -2.64 -9.91 -6.76
CA TRP A 119 -1.75 -10.87 -6.19
C TRP A 119 -1.78 -10.85 -4.67
N MET A 120 -1.71 -9.65 -4.08
CA MET A 120 -1.69 -9.56 -2.62
C MET A 120 -2.94 -10.20 -2.00
N LYS A 121 -4.10 -9.96 -2.61
CA LYS A 121 -5.38 -10.43 -2.12
C LYS A 121 -5.52 -11.96 -2.07
N ILE A 122 -4.77 -12.69 -2.89
CA ILE A 122 -4.83 -14.16 -2.89
C ILE A 122 -3.73 -14.81 -2.06
N GLN A 123 -2.87 -14.03 -1.43
CA GLN A 123 -1.81 -14.58 -0.58
C GLN A 123 -2.42 -15.12 0.69
N PRO A 124 -1.82 -16.18 1.27
CA PRO A 124 -2.41 -16.73 2.48
C PRO A 124 -2.64 -15.72 3.59
N LYS A 125 -1.70 -14.80 3.80
CA LYS A 125 -1.85 -13.79 4.82
C LYS A 125 -2.48 -12.50 4.26
N GLY A 126 -2.87 -12.52 2.99
CA GLY A 126 -3.60 -11.43 2.36
C GLY A 126 -5.10 -11.49 2.42
N LYS A 127 -5.67 -12.55 2.99
CA LYS A 127 -7.13 -12.66 2.98
C LYS A 127 -7.65 -11.78 4.10
N GLY A 128 -8.75 -11.10 3.80
CA GLY A 128 -9.37 -10.25 4.76
C GLY A 128 -10.17 -11.07 5.73
N ILE A 129 -10.81 -10.36 6.65
CA ILE A 129 -11.65 -11.01 7.64
C ILE A 129 -12.84 -11.76 6.98
N LEU A 130 -13.44 -11.16 5.95
CA LEU A 130 -14.55 -11.81 5.26
C LEU A 130 -14.05 -12.57 4.02
N GLY A 131 -13.10 -11.96 3.32
CA GLY A 131 -12.66 -12.49 2.04
C GLY A 131 -11.61 -11.55 1.49
N ASN A 132 -11.30 -11.75 0.22
CA ASN A 132 -10.14 -11.20 -0.38
C ASN A 132 -10.40 -9.74 -0.74
N ALA A 133 -11.60 -9.41 -1.20
CA ALA A 133 -11.83 -8.07 -1.76
C ALA A 133 -11.42 -6.97 -0.79
N ILE A 134 -10.81 -5.92 -1.36
CA ILE A 134 -10.51 -4.74 -0.55
C ILE A 134 -11.84 -4.04 -0.20
N LYS A 135 -12.09 -3.82 1.09
CA LYS A 135 -13.43 -3.40 1.53
C LYS A 135 -13.64 -1.90 1.51
N TRP A 136 -12.59 -1.13 1.70
CA TRP A 136 -12.71 0.30 1.83
C TRP A 136 -11.34 0.94 1.73
N ASN A 137 -11.32 2.27 1.78
CA ASN A 137 -10.09 3.06 1.82
C ASN A 137 -9.18 2.65 3.00
N PHE A 138 -7.87 2.67 2.79
CA PHE A 138 -6.87 2.46 3.88
C PHE A 138 -6.88 1.03 4.43
N THR A 139 -6.94 0.06 3.54
CA THR A 139 -6.46 -1.27 3.84
C THR A 139 -4.94 -1.27 3.77
N LYS A 140 -4.29 -2.04 4.65
CA LYS A 140 -2.82 -2.07 4.73
C LYS A 140 -2.32 -3.51 4.62
N PHE A 141 -1.31 -3.73 3.81
CA PHE A 141 -0.62 -5.01 3.74
C PHE A 141 0.81 -4.82 4.21
N LEU A 142 1.28 -5.72 5.06
CA LEU A 142 2.66 -5.74 5.49
C LEU A 142 3.38 -6.79 4.69
N ILE A 143 4.51 -6.37 4.13
CA ILE A 143 5.30 -7.15 3.20
C ILE A 143 6.70 -7.33 3.81
N ASP A 144 7.17 -8.58 3.84
CA ASP A 144 8.50 -8.84 4.36
C ASP A 144 9.61 -8.51 3.31
N LYS A 145 10.86 -8.73 3.72
CA LYS A 145 12.04 -8.36 2.94
C LYS A 145 12.13 -9.16 1.65
N ASN A 146 11.46 -10.29 1.62
CA ASN A 146 11.41 -11.13 0.40
C ASN A 146 10.20 -10.82 -0.49
N GLY A 147 9.46 -9.77 -0.15
CA GLY A 147 8.28 -9.42 -0.93
C GLY A 147 7.07 -10.28 -0.72
N CYS A 148 7.02 -11.05 0.37
CA CYS A 148 5.86 -11.89 0.69
C CYS A 148 4.89 -11.15 1.59
N VAL A 149 3.59 -11.36 1.41
CA VAL A 149 2.58 -10.79 2.29
C VAL A 149 2.65 -11.52 3.64
N VAL A 150 2.82 -10.76 4.72
CA VAL A 150 2.86 -11.35 6.07
C VAL A 150 1.65 -10.99 6.92
N LYS A 151 0.98 -9.87 6.63
CA LYS A 151 -0.22 -9.50 7.42
C LYS A 151 -1.06 -8.49 6.63
N ARG A 152 -2.36 -8.49 6.90
CA ARG A 152 -3.29 -7.52 6.39
C ARG A 152 -4.02 -6.86 7.54
N TYR A 153 -4.20 -5.54 7.44
CA TYR A 153 -4.90 -4.74 8.43
C TYR A 153 -5.99 -3.97 7.72
N GLY A 154 -7.19 -3.99 8.27
CA GLY A 154 -8.33 -3.40 7.60
C GLY A 154 -8.47 -1.89 7.71
N PRO A 155 -9.48 -1.36 6.99
CA PRO A 155 -9.83 0.06 7.01
C PRO A 155 -10.07 0.65 8.40
N MET A 156 -10.53 -0.17 9.35
CA MET A 156 -10.88 0.30 10.71
C MET A 156 -9.61 0.33 11.60
N GLU A 157 -8.51 -0.25 11.14
CA GLU A 157 -7.30 -0.40 11.91
C GLU A 157 -6.29 0.74 11.66
N GLU A 158 -6.11 1.58 12.65
CA GLU A 158 -5.13 2.67 12.55
C GLU A 158 -3.71 2.14 12.22
N PRO A 159 -2.93 2.88 11.40
CA PRO A 159 -1.60 2.35 11.08
C PRO A 159 -0.73 2.05 12.30
N LEU A 160 -0.87 2.78 13.41
CA LEU A 160 -0.05 2.46 14.60
C LEU A 160 -0.28 1.06 15.18
N VAL A 161 -1.39 0.39 14.84
CA VAL A 161 -1.57 -0.99 15.29
CA VAL A 161 -1.64 -1.03 15.20
C VAL A 161 -0.53 -1.91 14.65
N ILE A 162 -0.01 -1.52 13.47
CA ILE A 162 1.04 -2.27 12.81
C ILE A 162 2.37 -2.26 13.56
N GLU A 163 2.64 -1.21 14.32
CA GLU A 163 3.98 -1.01 14.95
C GLU A 163 4.45 -2.18 15.77
N LYS A 164 3.57 -2.75 16.61
CA LYS A 164 4.01 -3.84 17.47
C LYS A 164 4.43 -5.08 16.69
N ASP A 165 3.96 -5.23 15.44
CA ASP A 165 4.31 -6.34 14.58
C ASP A 165 5.63 -6.17 13.83
N LEU A 166 6.12 -4.93 13.72
CA LEU A 166 7.30 -4.68 12.94
C LEU A 166 8.63 -5.34 13.38
N PRO A 167 8.95 -5.35 14.70
CA PRO A 167 10.30 -5.80 15.08
C PRO A 167 10.65 -7.18 14.57
N HIS A 168 9.68 -8.10 14.55
CA HIS A 168 9.94 -9.44 14.08
C HIS A 168 10.50 -9.44 12.66
N TYR A 169 9.98 -8.56 11.81
CA TYR A 169 10.35 -8.52 10.39
C TYR A 169 11.61 -7.69 10.12
N PHE A 170 12.18 -7.05 11.14
CA PHE A 170 13.54 -6.42 11.06
C PHE A 170 14.67 -7.32 11.66
N HIS A 171 14.36 -8.61 11.72
CA HIS A 171 15.13 -9.72 12.34
C HIS A 171 16.28 -9.31 13.23
C4 G9N B . -18.25 12.33 5.79
C5 G9N B . -17.75 13.26 4.87
C6 G9N B . -16.48 13.82 5.05
C7 G9N B . -18.03 11.01 7.93
C8 G9N B . -17.16 9.75 7.99
C10 G9N B . -16.52 8.76 5.82
C17 G9N B . -20.04 5.92 4.19
C20 G9N B . -13.64 8.29 2.07
C20 G9N B . -13.78 7.03 4.23
C24 G9N B . -16.76 10.31 2.81
C26 G9N B . -18.34 10.54 0.97
C28 G9N B . -17.50 8.36 1.61
C31 G9N B . -19.06 12.70 0.18
O30 G9N B . -19.15 11.25 0.11
C27 G9N B . -18.29 9.17 0.80
CL G9N B . -19.25 8.46 -0.44
C25 G9N B . -17.55 11.13 1.99
C23 G9N B . -16.71 8.93 2.63
N13 G9N B . -15.97 8.14 3.44
C19 G9N B . -14.64 7.80 3.22
O22 G9N B . -14.14 7.05 4.07
O22 G9N B . -14.08 8.22 2.20
C11 G9N B . -16.73 7.69 4.69
C14 G9N B . -18.23 7.26 4.52
C18 G9N B . -18.70 6.00 4.31
C16 G9N B . -20.74 7.07 4.34
S15 G9N B . -19.58 8.31 4.60
O12 G9N B . -15.57 9.54 5.76
N9 G9N B . -17.36 8.81 6.86
C3 G9N B . -17.49 12.01 6.91
C2 G9N B . -16.22 12.58 7.10
C1 G9N B . -15.72 13.49 6.17
S SO4 C . -10.05 -6.42 6.01
O1 SO4 C . -10.89 -5.25 5.60
O2 SO4 C . -8.68 -6.10 5.70
O3 SO4 C . -10.14 -6.56 7.48
O4 SO4 C . -10.57 -7.67 5.41
C1 EDO D . -4.16 18.80 4.24
O1 EDO D . -3.33 19.93 4.52
C2 EDO D . -3.32 17.74 3.54
O2 EDO D . -2.81 18.26 2.30
S DMS E . -16.55 0.45 -9.95
S DMS E . -16.22 0.19 -9.33
O DMS E . -15.50 0.87 -10.90
O DMS E . -14.83 0.60 -9.63
C1 DMS E . -16.68 -1.24 -9.98
C1 DMS E . -17.20 0.91 -10.52
C2 DMS E . -15.99 0.66 -8.35
C2 DMS E . -16.51 -1.41 -9.82
S DMS F . -13.85 -12.81 -2.32
O DMS F . -13.69 -11.42 -1.81
C1 DMS F . -13.11 -14.04 -1.38
C2 DMS F . -15.50 -13.26 -2.30
#